data_3NRV
#
_entry.id   3NRV
#
_cell.length_a   72.809
_cell.length_b   59.573
_cell.length_c   97.753
_cell.angle_alpha   90.00
_cell.angle_beta   89.99
_cell.angle_gamma   90.00
#
_symmetry.space_group_name_H-M   'P 1 21 1'
#
loop_
_entity.id
_entity.type
_entity.pdbx_description
1 polymer 'Putative transcriptional regulator (MarR/EmrR family)'
2 non-polymer 'SULFATE ION'
3 non-polymer GLYCEROL
4 non-polymer 'SODIUM ION'
5 water water
#
_entity_poly.entity_id   1
_entity_poly.type   'polypeptide(L)'
_entity_poly.pdbx_seq_one_letter_code
;SNA(MSE)QKINIDRHATAQIN(MSE)LANKL(MSE)LKSSTAYTQKFGIG(MSE)TEWRIISVLSSASDCSVQKISDIL
GLDKAAVSRTVKKLEEKKYIEVNGHSEDKRTYAINLTE(MSE)GQELYEVASDFAIEREKQLLEEFEEAEKDQLFILLKK
LRNKVDQ(MSE)
;
_entity_poly.pdbx_strand_id   A,B,C,D
#
loop_
_chem_comp.id
_chem_comp.type
_chem_comp.name
_chem_comp.formula
GOL non-polymer GLYCEROL 'C3 H8 O3'
NA non-polymer 'SODIUM ION' 'Na 1'
SO4 non-polymer 'SULFATE ION' 'O4 S -2'
#
# COMPACT_ATOMS: atom_id res chain seq x y z
N GLN A 5 14.96 -36.95 6.61
CA GLN A 5 14.53 -38.09 5.81
C GLN A 5 14.78 -37.86 4.32
N LYS A 6 13.71 -37.59 3.58
CA LYS A 6 13.81 -37.38 2.14
C LYS A 6 13.98 -35.91 1.77
N ILE A 7 13.65 -35.04 2.71
CA ILE A 7 13.64 -33.61 2.49
C ILE A 7 14.50 -32.96 3.56
N ASN A 8 15.43 -32.13 3.15
CA ASN A 8 16.20 -31.33 4.10
C ASN A 8 15.55 -29.96 4.30
N ILE A 9 14.86 -29.80 5.42
CA ILE A 9 14.05 -28.60 5.66
C ILE A 9 14.86 -27.31 5.60
N ASP A 10 16.11 -27.35 6.08
CA ASP A 10 16.99 -26.18 6.07
C ASP A 10 17.30 -25.68 4.67
N ARG A 11 17.25 -26.58 3.69
CA ARG A 11 17.50 -26.19 2.30
C ARG A 11 16.23 -26.32 1.46
N HIS A 12 15.08 -26.10 2.09
CA HIS A 12 13.78 -26.22 1.43
C HIS A 12 13.16 -24.82 1.45
N ALA A 13 13.16 -24.14 0.31
CA ALA A 13 12.76 -22.74 0.26
C ALA A 13 11.30 -22.58 0.65
N THR A 14 10.48 -23.54 0.25
CA THR A 14 9.06 -23.50 0.58
C THR A 14 8.88 -23.41 2.09
N ALA A 15 9.58 -24.28 2.80
CA ALA A 15 9.55 -24.28 4.27
C ALA A 15 10.10 -22.99 4.90
N GLN A 16 11.22 -22.48 4.38
CA GLN A 16 11.85 -21.29 4.96
C GLN A 16 10.97 -20.06 4.76
N ILE A 17 10.36 -19.95 3.59
CA ILE A 17 9.44 -18.87 3.31
C ILE A 17 8.24 -18.88 4.26
N ASN A 18 7.62 -20.04 4.40
CA ASN A 18 6.42 -20.15 5.22
C ASN A 18 6.71 -19.92 6.70
N MSE A 19 7.85 -20.42 7.16
N MSE A 19 7.86 -20.44 7.16
CA MSE A 19 8.28 -20.22 8.52
CA MSE A 19 8.33 -20.24 8.53
C MSE A 19 8.54 -18.73 8.79
C MSE A 19 8.61 -18.76 8.81
O MSE A 19 8.11 -18.16 9.80
O MSE A 19 8.24 -18.22 9.87
CB MSE A 19 9.52 -21.05 8.77
CB MSE A 19 9.59 -21.09 8.80
CG MSE A 19 10.00 -21.17 10.19
CG MSE A 19 9.33 -22.60 9.05
SE MSE A 19 11.85 -20.62 10.20
SE MSE A 19 10.86 -23.90 9.00
CE MSE A 19 11.38 -18.76 10.31
CE MSE A 19 11.90 -23.02 7.67
N LEU A 20 9.25 -18.08 7.86
CA LEU A 20 9.59 -16.68 8.03
C LEU A 20 8.34 -15.80 8.06
N ALA A 21 7.37 -16.07 7.18
CA ALA A 21 6.13 -15.31 7.23
C ALA A 21 5.41 -15.47 8.58
N ASN A 22 5.42 -16.67 9.14
CA ASN A 22 4.78 -16.92 10.43
C ASN A 22 5.56 -16.19 11.51
N LYS A 23 6.88 -16.30 11.47
CA LYS A 23 7.73 -15.74 12.52
C LYS A 23 7.68 -14.24 12.53
N LEU A 24 7.56 -13.64 11.35
CA LEU A 24 7.37 -12.20 11.25
C LEU A 24 6.02 -11.85 11.85
N MSE A 25 5.06 -12.77 11.75
CA MSE A 25 3.71 -12.45 12.21
C MSE A 25 3.59 -12.44 13.72
O MSE A 25 2.98 -11.53 14.30
CB MSE A 25 2.67 -13.37 11.57
CG MSE A 25 2.20 -12.88 10.21
SE MSE A 25 1.18 -11.23 10.41
CE MSE A 25 0.51 -11.61 12.13
N LEU A 26 4.16 -13.44 14.39
CA LEU A 26 4.13 -13.45 15.84
C LEU A 26 5.07 -12.40 16.43
N LYS A 27 5.86 -11.77 15.56
CA LYS A 27 6.85 -10.76 15.97
C LYS A 27 7.83 -11.28 17.03
N TYR A 32 1.41 -1.25 13.72
CA TYR A 32 0.50 -1.90 14.66
C TYR A 32 -0.88 -2.10 14.06
N THR A 33 -1.73 -2.88 14.74
CA THR A 33 -3.01 -3.29 14.16
C THR A 33 -4.27 -2.94 14.97
N GLN A 34 -4.22 -3.03 16.29
CA GLN A 34 -5.34 -2.53 17.09
C GLN A 34 -5.58 -1.06 16.76
N LYS A 35 -4.50 -0.35 16.49
CA LYS A 35 -4.58 1.02 15.99
C LYS A 35 -5.69 1.14 14.95
N PHE A 36 -5.77 0.18 14.03
CA PHE A 36 -6.73 0.27 12.94
C PHE A 36 -8.09 -0.37 13.26
N GLY A 37 -8.28 -0.80 14.49
CA GLY A 37 -9.59 -1.29 14.91
C GLY A 37 -9.86 -2.78 14.75
N ILE A 38 -8.82 -3.55 14.44
CA ILE A 38 -8.97 -5.02 14.29
C ILE A 38 -7.92 -5.77 15.11
N GLY A 39 -8.21 -7.02 15.42
CA GLY A 39 -7.29 -7.85 16.19
C GLY A 39 -6.44 -8.74 15.29
N MSE A 40 -5.57 -9.53 15.89
CA MSE A 40 -4.60 -10.35 15.17
C MSE A 40 -5.25 -11.30 14.14
O MSE A 40 -4.83 -11.35 12.97
CB MSE A 40 -3.70 -11.11 16.14
CG MSE A 40 -2.54 -11.89 15.50
SE MSE A 40 -1.43 -10.86 14.27
CE MSE A 40 -1.22 -9.24 15.35
N THR A 41 -6.28 -12.03 14.56
CA THR A 41 -6.93 -12.98 13.67
C THR A 41 -7.56 -12.29 12.48
N GLU A 42 -8.17 -11.14 12.75
CA GLU A 42 -8.74 -10.34 11.68
C GLU A 42 -7.64 -9.93 10.70
N TRP A 43 -6.52 -9.48 11.24
CA TRP A 43 -5.40 -9.02 10.42
C TRP A 43 -4.84 -10.18 9.57
N ARG A 44 -4.70 -11.34 10.21
CA ARG A 44 -4.15 -12.51 9.49
C ARG A 44 -5.06 -12.92 8.34
N ILE A 45 -6.37 -12.86 8.59
CA ILE A 45 -7.33 -13.21 7.56
C ILE A 45 -7.34 -12.20 6.44
N ILE A 46 -7.32 -10.92 6.81
CA ILE A 46 -7.19 -9.86 5.82
C ILE A 46 -5.96 -10.09 4.95
N SER A 47 -4.84 -10.44 5.60
CA SER A 47 -3.59 -10.66 4.87
C SER A 47 -3.70 -11.80 3.86
N VAL A 48 -4.33 -12.90 4.27
CA VAL A 48 -4.51 -14.04 3.35
C VAL A 48 -5.35 -13.62 2.16
N LEU A 49 -6.45 -12.93 2.44
CA LEU A 49 -7.37 -12.51 1.39
C LEU A 49 -6.72 -11.56 0.40
N SER A 50 -5.73 -10.78 0.87
CA SER A 50 -4.98 -9.88 -0.01
C SER A 50 -4.04 -10.63 -0.94
N SER A 51 -3.67 -11.85 -0.57
CA SER A 51 -2.67 -12.58 -1.33
C SER A 51 -3.26 -13.32 -2.54
N ALA A 52 -4.56 -13.61 -2.51
CA ALA A 52 -5.17 -14.38 -3.59
C ALA A 52 -6.70 -14.28 -3.55
N SER A 53 -7.35 -14.48 -4.69
CA SER A 53 -8.80 -14.29 -4.74
C SER A 53 -9.62 -15.56 -4.45
N ASP A 54 -10.89 -15.37 -4.15
CA ASP A 54 -11.82 -16.48 -3.94
C ASP A 54 -11.26 -17.52 -2.97
N CYS A 55 -10.99 -17.09 -1.74
N CYS A 55 -11.07 -17.11 -1.72
CA CYS A 55 -10.53 -18.00 -0.70
CA CYS A 55 -10.55 -17.99 -0.69
C CYS A 55 -11.76 -18.70 -0.13
C CYS A 55 -11.67 -18.54 0.19
N SER A 56 -11.55 -19.80 0.60
CA SER A 56 -12.61 -20.47 1.32
C SER A 56 -12.28 -20.52 2.79
N VAL A 57 -13.30 -20.72 3.62
CA VAL A 57 -13.10 -20.89 5.05
C VAL A 57 -12.19 -22.08 5.33
N GLN A 58 -12.36 -23.14 4.54
CA GLN A 58 -11.56 -24.34 4.72
C GLN A 58 -10.07 -24.06 4.51
N LYS A 59 -9.75 -23.39 3.41
CA LYS A 59 -8.36 -23.10 3.07
C LYS A 59 -7.73 -22.19 4.11
N ILE A 60 -8.49 -21.19 4.56
CA ILE A 60 -7.97 -20.23 5.51
C ILE A 60 -7.70 -20.90 6.83
N SER A 61 -8.67 -21.69 7.27
CA SER A 61 -8.56 -22.47 8.49
C SER A 61 -7.30 -23.37 8.44
N ASP A 62 -7.10 -24.02 7.30
CA ASP A 62 -5.92 -24.86 7.12
C ASP A 62 -4.62 -24.05 7.31
N ILE A 63 -4.40 -23.07 6.43
CA ILE A 63 -3.12 -22.42 6.42
C ILE A 63 -2.82 -21.57 7.65
N LEU A 64 -3.86 -21.13 8.37
CA LEU A 64 -3.63 -20.33 9.57
C LEU A 64 -3.58 -21.21 10.81
N GLY A 65 -3.93 -22.48 10.64
CA GLY A 65 -3.97 -23.39 11.77
C GLY A 65 -5.06 -22.99 12.76
N LEU A 66 -6.19 -22.52 12.25
CA LEU A 66 -7.32 -22.08 13.06
C LEU A 66 -8.54 -22.97 12.85
N ASP A 67 -9.36 -23.13 13.89
CA ASP A 67 -10.58 -23.89 13.71
C ASP A 67 -11.59 -23.15 12.83
N LYS A 68 -12.38 -23.92 12.08
CA LYS A 68 -13.31 -23.35 11.12
C LYS A 68 -14.29 -22.38 11.79
N ALA A 69 -14.72 -22.72 13.00
CA ALA A 69 -15.69 -21.90 13.71
C ALA A 69 -15.10 -20.52 13.94
N ALA A 70 -13.86 -20.49 14.40
CA ALA A 70 -13.19 -19.22 14.65
C ALA A 70 -13.04 -18.44 13.34
N VAL A 71 -12.68 -19.12 12.27
CA VAL A 71 -12.50 -18.43 11.00
C VAL A 71 -13.83 -17.81 10.57
N SER A 72 -14.89 -18.62 10.61
CA SER A 72 -16.23 -18.15 10.24
C SER A 72 -16.67 -16.92 11.04
N ARG A 73 -16.51 -16.99 12.36
CA ARG A 73 -16.85 -15.85 13.20
C ARG A 73 -16.10 -14.60 12.75
N THR A 74 -14.79 -14.74 12.56
CA THR A 74 -13.98 -13.58 12.20
C THR A 74 -14.39 -13.05 10.84
N VAL A 75 -14.67 -13.95 9.90
CA VAL A 75 -15.11 -13.53 8.58
C VAL A 75 -16.41 -12.70 8.71
N LYS A 76 -17.32 -13.14 9.56
CA LYS A 76 -18.57 -12.42 9.74
C LYS A 76 -18.28 -11.01 10.25
N LYS A 77 -17.46 -10.95 11.30
CA LYS A 77 -17.07 -9.69 11.90
C LYS A 77 -16.46 -8.71 10.88
N LEU A 78 -15.70 -9.24 9.91
CA LEU A 78 -15.05 -8.40 8.91
C LEU A 78 -16.03 -7.99 7.82
N GLU A 79 -17.06 -8.82 7.64
CA GLU A 79 -18.17 -8.45 6.79
C GLU A 79 -18.86 -7.21 7.36
N GLU A 80 -19.30 -7.32 8.62
CA GLU A 80 -19.93 -6.23 9.32
C GLU A 80 -19.11 -4.94 9.25
N LYS A 81 -17.79 -5.05 9.39
CA LYS A 81 -16.92 -3.88 9.37
C LYS A 81 -16.69 -3.38 7.96
N LYS A 82 -17.33 -4.03 6.99
CA LYS A 82 -17.29 -3.60 5.58
C LYS A 82 -16.00 -3.99 4.82
N TYR A 83 -15.20 -4.88 5.40
CA TYR A 83 -13.90 -5.24 4.82
C TYR A 83 -13.97 -6.42 3.84
N ILE A 84 -14.98 -7.26 4.02
CA ILE A 84 -15.13 -8.49 3.24
C ILE A 84 -16.51 -8.57 2.61
N GLU A 85 -16.61 -9.25 1.46
CA GLU A 85 -17.90 -9.72 0.95
C GLU A 85 -17.86 -11.20 0.53
N VAL A 86 -19.03 -11.79 0.29
CA VAL A 86 -19.13 -13.19 -0.09
C VAL A 86 -20.08 -13.39 -1.27
N TYR A 96 -18.41 -21.24 -1.29
CA TYR A 96 -18.33 -19.90 -0.71
C TYR A 96 -16.96 -19.26 -0.97
N ALA A 97 -16.94 -18.27 -1.85
CA ALA A 97 -15.71 -17.55 -2.15
C ALA A 97 -15.67 -16.23 -1.40
N ILE A 98 -14.63 -16.07 -0.58
CA ILE A 98 -14.46 -14.87 0.22
C ILE A 98 -13.49 -13.91 -0.46
N ASN A 99 -13.89 -12.65 -0.58
CA ASN A 99 -13.00 -11.63 -1.12
C ASN A 99 -13.03 -10.35 -0.29
N LEU A 100 -11.95 -9.58 -0.37
CA LEU A 100 -11.90 -8.27 0.26
C LEU A 100 -12.70 -7.25 -0.54
N THR A 101 -13.38 -6.35 0.14
CA THR A 101 -13.89 -5.15 -0.49
C THR A 101 -12.71 -4.26 -0.88
N GLU A 102 -12.97 -3.19 -1.63
CA GLU A 102 -11.93 -2.23 -1.93
C GLU A 102 -11.36 -1.69 -0.62
N MSE A 103 -12.24 -1.52 0.36
CA MSE A 103 -11.84 -1.01 1.66
C MSE A 103 -11.04 -2.03 2.49
O MSE A 103 -10.17 -1.66 3.28
CB MSE A 103 -13.05 -0.49 2.46
CG MSE A 103 -13.37 1.00 2.23
SE MSE A 103 -11.88 2.29 2.53
CE MSE A 103 -11.77 2.20 4.45
N GLY A 104 -11.36 -3.31 2.31
CA GLY A 104 -10.55 -4.35 2.93
C GLY A 104 -9.13 -4.30 2.36
N GLN A 105 -9.01 -4.14 1.05
CA GLN A 105 -7.70 -4.04 0.42
C GLN A 105 -6.98 -2.76 0.85
N GLU A 106 -7.73 -1.67 1.02
CA GLU A 106 -7.13 -0.44 1.53
C GLU A 106 -6.59 -0.63 2.93
N LEU A 107 -7.36 -1.26 3.79
CA LEU A 107 -6.91 -1.53 5.15
C LEU A 107 -5.55 -2.23 5.18
N TYR A 108 -5.37 -3.24 4.33
CA TYR A 108 -4.12 -3.98 4.27
C TYR A 108 -2.97 -3.08 3.85
N GLU A 109 -3.19 -2.31 2.79
CA GLU A 109 -2.14 -1.43 2.28
C GLU A 109 -1.81 -0.30 3.25
N VAL A 110 -2.83 0.31 3.83
CA VAL A 110 -2.59 1.46 4.71
C VAL A 110 -1.87 1.02 5.98
N ALA A 111 -2.36 -0.05 6.58
CA ALA A 111 -1.75 -0.55 7.81
C ALA A 111 -0.31 -1.02 7.55
N SER A 112 -0.08 -1.62 6.39
CA SER A 112 1.30 -1.99 6.02
C SER A 112 2.17 -0.76 5.84
N ASP A 113 1.64 0.23 5.12
CA ASP A 113 2.39 1.45 4.83
C ASP A 113 2.74 2.17 6.13
N PHE A 114 1.82 2.16 7.08
CA PHE A 114 2.03 2.78 8.39
C PHE A 114 3.10 2.08 9.23
N ALA A 115 3.32 0.80 8.96
CA ALA A 115 4.27 0.00 9.75
C ALA A 115 5.67 -0.01 9.15
N ILE A 116 5.99 0.99 8.34
CA ILE A 116 7.25 1.00 7.59
C ILE A 116 8.50 1.00 8.49
N GLU A 117 8.37 1.53 9.71
CA GLU A 117 9.52 1.62 10.60
C GLU A 117 9.99 0.24 11.04
N ARG A 118 9.05 -0.70 11.13
CA ARG A 118 9.37 -2.08 11.47
C ARG A 118 10.12 -2.74 10.31
N GLU A 119 9.79 -2.36 9.09
CA GLU A 119 10.52 -2.83 7.92
C GLU A 119 11.97 -2.35 7.92
N LYS A 120 12.18 -1.08 8.26
CA LYS A 120 13.54 -0.55 8.32
C LYS A 120 14.35 -1.28 9.37
N GLN A 121 13.70 -1.58 10.49
CA GLN A 121 14.31 -2.35 11.55
C GLN A 121 14.67 -3.77 11.08
N LEU A 122 13.74 -4.40 10.36
CA LEU A 122 13.96 -5.75 9.86
C LEU A 122 15.19 -5.82 8.94
N LEU A 123 15.36 -4.80 8.12
CA LEU A 123 16.42 -4.79 7.12
C LEU A 123 17.65 -4.01 7.57
N GLU A 124 17.72 -3.69 8.86
CA GLU A 124 18.83 -2.95 9.47
C GLU A 124 20.21 -3.44 9.06
N GLU A 125 20.40 -4.76 9.07
CA GLU A 125 21.72 -5.33 8.80
C GLU A 125 22.00 -5.52 7.31
N PHE A 126 21.10 -5.02 6.47
CA PHE A 126 21.24 -5.17 5.03
C PHE A 126 21.83 -3.92 4.37
N GLU A 127 22.91 -4.10 3.60
CA GLU A 127 23.39 -3.04 2.71
C GLU A 127 22.36 -2.86 1.60
N GLU A 128 22.47 -1.75 0.86
CA GLU A 128 21.52 -1.48 -0.23
C GLU A 128 21.54 -2.56 -1.30
N ALA A 129 22.74 -3.04 -1.64
CA ALA A 129 22.86 -4.10 -2.63
C ALA A 129 22.15 -5.39 -2.18
N GLU A 130 22.21 -5.68 -0.89
CA GLU A 130 21.56 -6.88 -0.34
C GLU A 130 20.03 -6.72 -0.37
N LYS A 131 19.54 -5.54 -0.04
CA LYS A 131 18.11 -5.27 -0.14
C LYS A 131 17.66 -5.45 -1.58
N ASP A 132 18.41 -4.89 -2.51
CA ASP A 132 18.09 -5.08 -3.92
C ASP A 132 17.99 -6.56 -4.29
N GLN A 133 18.97 -7.36 -3.86
CA GLN A 133 18.95 -8.78 -4.17
C GLN A 133 17.73 -9.46 -3.54
N LEU A 134 17.43 -9.11 -2.30
CA LEU A 134 16.28 -9.68 -1.62
C LEU A 134 15.00 -9.47 -2.44
N PHE A 135 14.79 -8.24 -2.89
CA PHE A 135 13.55 -7.97 -3.62
C PHE A 135 13.55 -8.57 -5.02
N ILE A 136 14.72 -8.69 -5.62
CA ILE A 136 14.81 -9.37 -6.90
C ILE A 136 14.39 -10.83 -6.73
N LEU A 137 14.92 -11.46 -5.69
CA LEU A 137 14.65 -12.89 -5.48
C LEU A 137 13.18 -13.12 -5.09
N LEU A 138 12.63 -12.25 -4.24
CA LEU A 138 11.25 -12.39 -3.83
C LEU A 138 10.33 -12.26 -5.04
N LYS A 139 10.70 -11.37 -5.95
CA LYS A 139 9.90 -11.20 -7.17
C LYS A 139 9.94 -12.43 -8.05
N LYS A 140 11.11 -13.05 -8.18
CA LYS A 140 11.16 -14.32 -8.92
C LYS A 140 10.21 -15.33 -8.27
N LEU A 141 10.19 -15.38 -6.94
CA LEU A 141 9.36 -16.36 -6.24
C LEU A 141 7.88 -16.09 -6.46
N ARG A 142 7.47 -14.82 -6.37
CA ARG A 142 6.06 -14.49 -6.53
C ARG A 142 5.60 -14.78 -7.96
N ASN A 143 6.45 -14.45 -8.93
CA ASN A 143 6.14 -14.77 -10.32
C ASN A 143 5.91 -16.24 -10.51
N LYS A 144 6.73 -17.08 -9.87
CA LYS A 144 6.59 -18.51 -10.07
C LYS A 144 5.35 -19.04 -9.35
N VAL A 145 5.09 -18.54 -8.15
CA VAL A 145 3.91 -18.98 -7.40
C VAL A 145 2.63 -18.71 -8.21
N ASP A 146 2.59 -17.57 -8.90
CA ASP A 146 1.46 -17.25 -9.78
C ASP A 146 1.20 -18.34 -10.83
N GLN A 147 2.28 -18.99 -11.29
CA GLN A 147 2.15 -20.00 -12.32
C GLN A 147 1.83 -21.39 -11.79
N MSE A 148 1.92 -21.56 -10.47
CA MSE A 148 1.67 -22.89 -9.89
C MSE A 148 0.19 -23.10 -9.65
O MSE A 148 -0.20 -24.15 -9.15
CB MSE A 148 2.49 -23.08 -8.60
CG MSE A 148 4.02 -23.02 -8.83
SE MSE A 148 5.14 -23.06 -7.24
CE MSE A 148 4.80 -24.88 -6.65
N GLN B 5 -15.53 23.18 10.92
CA GLN B 5 -15.78 23.55 9.53
C GLN B 5 -16.12 25.04 9.39
N LYS B 6 -15.12 25.84 9.02
CA LYS B 6 -15.31 27.27 8.80
C LYS B 6 -15.25 27.57 7.31
N ILE B 7 -14.91 26.55 6.54
CA ILE B 7 -14.70 26.68 5.10
C ILE B 7 -15.58 25.68 4.38
N ASN B 8 -16.35 26.17 3.42
CA ASN B 8 -17.14 25.28 2.59
C ASN B 8 -16.37 24.89 1.34
N ILE B 9 -15.82 23.67 1.34
CA ILE B 9 -14.92 23.20 0.28
C ILE B 9 -15.56 23.25 -1.10
N ASP B 10 -16.85 22.94 -1.17
CA ASP B 10 -17.59 22.96 -2.43
C ASP B 10 -17.60 24.34 -3.07
N ARG B 11 -17.50 25.38 -2.24
CA ARG B 11 -17.54 26.75 -2.75
C ARG B 11 -16.20 27.46 -2.54
N HIS B 12 -15.13 26.68 -2.59
CA HIS B 12 -13.77 27.18 -2.31
C HIS B 12 -13.01 26.99 -3.62
N ALA B 13 -12.79 28.07 -4.35
CA ALA B 13 -12.22 27.95 -5.69
C ALA B 13 -10.81 27.35 -5.64
N THR B 14 -10.07 27.71 -4.60
CA THR B 14 -8.71 27.21 -4.42
C THR B 14 -8.69 25.69 -4.39
N ALA B 15 -9.61 25.13 -3.62
CA ALA B 15 -9.75 23.68 -3.50
C ALA B 15 -10.23 23.04 -4.81
N GLN B 16 -11.22 23.64 -5.47
CA GLN B 16 -11.75 23.05 -6.71
C GLN B 16 -10.69 23.02 -7.81
N ILE B 17 -9.93 24.11 -7.90
CA ILE B 17 -8.86 24.20 -8.88
C ILE B 17 -7.82 23.12 -8.64
N ASN B 18 -7.41 22.96 -7.40
CA ASN B 18 -6.33 22.03 -7.09
C ASN B 18 -6.77 20.58 -7.25
N MSE B 19 -8.02 20.31 -6.88
N MSE B 19 -8.01 20.30 -6.89
CA MSE B 19 -8.64 18.99 -7.04
CA MSE B 19 -8.57 18.99 -7.06
C MSE B 19 -8.77 18.62 -8.53
C MSE B 19 -8.64 18.66 -8.57
O MSE B 19 -8.55 17.48 -8.93
O MSE B 19 -8.22 17.59 -9.01
CB MSE B 19 -10.02 18.96 -6.36
CB MSE B 19 -9.96 19.00 -6.45
CG MSE B 19 -9.98 18.82 -4.82
CG MSE B 19 -10.60 17.66 -6.24
SE MSE B 19 -11.66 19.11 -3.75
SE MSE B 19 -12.32 17.75 -7.08
CE MSE B 19 -12.35 20.59 -4.72
CE MSE B 19 -11.57 17.51 -8.84
N LEU B 20 -9.15 19.60 -9.35
CA LEU B 20 -9.34 19.36 -10.78
C LEU B 20 -8.02 19.11 -11.49
N ALA B 21 -6.97 19.85 -11.12
CA ALA B 21 -5.67 19.58 -11.71
C ALA B 21 -5.17 18.18 -11.33
N ASN B 22 -5.43 17.73 -10.11
CA ASN B 22 -4.99 16.41 -9.67
C ASN B 22 -5.79 15.35 -10.43
N LYS B 23 -7.10 15.56 -10.52
CA LYS B 23 -8.00 14.57 -11.11
C LYS B 23 -7.78 14.44 -12.60
N LEU B 24 -7.49 15.55 -13.26
CA LEU B 24 -7.07 15.49 -14.65
C LEU B 24 -5.80 14.64 -14.76
N MSE B 25 -4.90 14.79 -13.79
CA MSE B 25 -3.63 14.06 -13.87
C MSE B 25 -3.79 12.55 -13.74
O MSE B 25 -3.30 11.80 -14.58
CB MSE B 25 -2.62 14.61 -12.84
CG MSE B 25 -1.88 15.85 -13.32
SE MSE B 25 -0.70 15.44 -14.83
CE MSE B 25 -0.43 13.60 -14.39
N LEU B 26 -4.49 12.10 -12.72
CA LEU B 26 -4.73 10.67 -12.55
C LEU B 26 -5.77 10.16 -13.56
N TYR B 32 0.12 10.92 -24.98
CA TYR B 32 0.52 10.32 -23.72
C TYR B 32 1.90 10.85 -23.30
N THR B 33 2.62 10.10 -22.47
CA THR B 33 3.90 10.58 -21.93
C THR B 33 5.06 9.58 -22.07
N GLN B 34 4.76 8.28 -21.93
CA GLN B 34 5.76 7.27 -22.24
C GLN B 34 6.25 7.53 -23.67
N LYS B 35 5.33 7.89 -24.54
CA LYS B 35 5.63 8.28 -25.91
C LYS B 35 6.89 9.15 -25.94
N PHE B 36 6.96 10.13 -25.04
CA PHE B 36 8.07 11.07 -25.06
C PHE B 36 9.27 10.65 -24.22
N GLY B 37 9.26 9.44 -23.66
CA GLY B 37 10.44 8.92 -22.99
C GLY B 37 10.55 9.18 -21.50
N ILE B 38 9.46 9.64 -20.88
CA ILE B 38 9.44 9.89 -19.43
C ILE B 38 8.22 9.28 -18.78
N GLY B 39 8.33 8.95 -17.49
CA GLY B 39 7.20 8.40 -16.75
C GLY B 39 6.40 9.50 -16.05
N MSE B 40 5.37 9.09 -15.32
CA MSE B 40 4.45 10.05 -14.70
C MSE B 40 5.11 11.05 -13.73
O MSE B 40 4.84 12.26 -13.79
CB MSE B 40 3.32 9.29 -14.01
CG MSE B 40 2.01 9.44 -14.74
SE MSE B 40 1.41 11.28 -14.59
CE MSE B 40 0.65 11.13 -12.79
N THR B 41 5.97 10.55 -12.85
CA THR B 41 6.59 11.42 -11.85
C THR B 41 7.44 12.45 -12.54
N GLU B 42 8.19 12.02 -13.55
CA GLU B 42 8.97 12.96 -14.33
C GLU B 42 8.06 14.03 -14.94
N TRP B 43 6.93 13.60 -15.49
CA TRP B 43 6.02 14.54 -16.17
C TRP B 43 5.43 15.54 -15.18
N ARG B 44 5.04 15.03 -14.01
CA ARG B 44 4.48 15.90 -12.95
C ARG B 44 5.49 16.95 -12.50
N ILE B 45 6.75 16.54 -12.38
CA ILE B 45 7.80 17.47 -11.99
C ILE B 45 8.06 18.50 -13.08
N ILE B 46 8.17 18.04 -14.32
CA ILE B 46 8.27 18.96 -15.45
C ILE B 46 7.13 19.98 -15.42
N SER B 47 5.93 19.49 -15.16
CA SER B 47 4.76 20.37 -15.15
C SER B 47 4.86 21.42 -14.07
N VAL B 48 5.26 21.01 -12.86
CA VAL B 48 5.43 21.99 -11.78
C VAL B 48 6.48 23.02 -12.18
N LEU B 49 7.60 22.55 -12.71
CA LEU B 49 8.68 23.45 -13.08
C LEU B 49 8.28 24.45 -14.16
N SER B 50 7.38 24.04 -15.06
CA SER B 50 6.89 24.96 -16.09
C SER B 50 6.00 26.06 -15.51
N SER B 51 5.46 25.83 -14.32
CA SER B 51 4.48 26.76 -13.77
C SER B 51 5.12 27.96 -13.05
N ALA B 52 6.36 27.80 -12.58
CA ALA B 52 7.01 28.88 -11.83
C ALA B 52 8.52 28.70 -11.76
N SER B 53 9.23 29.77 -11.42
CA SER B 53 10.70 29.71 -11.43
C SER B 53 11.30 29.33 -10.08
N ASP B 54 12.52 28.82 -10.11
CA ASP B 54 13.29 28.50 -8.90
C ASP B 54 12.44 27.73 -7.89
N CYS B 55 12.08 26.50 -8.23
N CYS B 55 12.12 26.49 -8.23
CA CYS B 55 11.36 25.62 -7.32
CA CYS B 55 11.41 25.61 -7.32
C CYS B 55 12.40 24.87 -6.48
C CYS B 55 12.43 24.88 -6.47
N SER B 56 11.99 24.31 -5.35
CA SER B 56 12.89 23.53 -4.51
C SER B 56 12.37 22.10 -4.39
N VAL B 57 13.25 21.20 -3.98
CA VAL B 57 12.83 19.83 -3.76
C VAL B 57 11.75 19.78 -2.69
N GLN B 58 11.90 20.62 -1.68
CA GLN B 58 10.93 20.68 -0.59
C GLN B 58 9.52 21.04 -1.08
N LYS B 59 9.43 22.12 -1.85
CA LYS B 59 8.14 22.58 -2.35
C LYS B 59 7.50 21.59 -3.31
N ILE B 60 8.32 20.98 -4.17
CA ILE B 60 7.81 20.01 -5.11
C ILE B 60 7.29 18.79 -4.37
N SER B 61 8.09 18.32 -3.43
CA SER B 61 7.72 17.17 -2.62
C SER B 61 6.38 17.43 -1.89
N ASP B 62 6.25 18.63 -1.33
CA ASP B 62 5.02 19.02 -0.67
C ASP B 62 3.81 18.93 -1.62
N ILE B 63 3.81 19.74 -2.68
CA ILE B 63 2.61 19.84 -3.50
C ILE B 63 2.26 18.60 -4.30
N LEU B 64 3.25 17.75 -4.57
CA LEU B 64 3.00 16.51 -5.31
C LEU B 64 2.67 15.37 -4.37
N GLY B 65 2.87 15.58 -3.06
CA GLY B 65 2.68 14.52 -2.10
C GLY B 65 3.66 13.36 -2.29
N LEU B 66 4.90 13.68 -2.65
CA LEU B 66 5.95 12.67 -2.85
C LEU B 66 7.05 12.81 -1.82
N ASP B 67 7.70 11.71 -1.46
CA ASP B 67 8.81 11.81 -0.53
C ASP B 67 10.02 12.49 -1.21
N LYS B 68 10.79 13.23 -0.43
CA LYS B 68 11.89 14.02 -0.95
C LYS B 68 12.90 13.19 -1.72
N ALA B 69 13.16 11.98 -1.24
CA ALA B 69 14.09 11.07 -1.86
C ALA B 69 13.66 10.76 -3.28
N ALA B 70 12.36 10.52 -3.45
CA ALA B 70 11.82 10.23 -4.77
C ALA B 70 11.96 11.45 -5.67
N VAL B 71 11.67 12.63 -5.15
CA VAL B 71 11.76 13.85 -5.96
C VAL B 71 13.20 14.08 -6.41
N SER B 72 14.13 13.95 -5.45
CA SER B 72 15.56 14.10 -5.72
C SER B 72 16.03 13.14 -6.81
N ARG B 73 15.67 11.87 -6.70
CA ARG B 73 16.04 10.90 -7.72
C ARG B 73 15.51 11.31 -9.09
N THR B 74 14.26 11.75 -9.14
CA THR B 74 13.66 12.08 -10.42
C THR B 74 14.30 13.33 -11.00
N VAL B 75 14.65 14.26 -10.13
CA VAL B 75 15.29 15.50 -10.58
C VAL B 75 16.64 15.20 -11.25
N LYS B 76 17.43 14.32 -10.64
CA LYS B 76 18.74 13.98 -11.21
C LYS B 76 18.54 13.34 -12.58
N LYS B 77 17.57 12.43 -12.68
CA LYS B 77 17.28 11.76 -13.93
C LYS B 77 16.88 12.74 -15.04
N LEU B 78 16.21 13.81 -14.67
CA LEU B 78 15.78 14.82 -15.64
C LEU B 78 16.94 15.76 -15.95
N GLU B 79 17.88 15.85 -15.02
CA GLU B 79 19.14 16.51 -15.31
C GLU B 79 19.89 15.72 -16.40
N GLU B 80 20.06 14.43 -16.16
CA GLU B 80 20.74 13.55 -17.12
C GLU B 80 20.11 13.58 -18.51
N LYS B 81 18.79 13.77 -18.58
CA LYS B 81 18.10 13.77 -19.86
C LYS B 81 18.10 15.16 -20.48
N LYS B 82 18.80 16.08 -19.81
CA LYS B 82 18.98 17.45 -20.32
C LYS B 82 17.76 18.37 -20.16
N TYR B 83 16.79 17.98 -19.33
CA TYR B 83 15.56 18.77 -19.17
C TYR B 83 15.65 19.77 -18.02
N ILE B 84 16.50 19.48 -17.04
CA ILE B 84 16.64 20.31 -15.85
C ILE B 84 18.07 20.76 -15.62
N GLU B 85 18.24 21.95 -15.04
CA GLU B 85 19.54 22.40 -14.53
C GLU B 85 19.39 22.84 -13.07
N VAL B 86 20.51 22.97 -12.36
CA VAL B 86 20.48 23.43 -10.98
C VAL B 86 21.45 24.58 -10.73
N TYR B 96 18.84 25.17 -3.03
CA TYR B 96 18.95 24.72 -4.42
C TYR B 96 17.70 25.05 -5.22
N ALA B 97 17.87 25.90 -6.24
CA ALA B 97 16.75 26.29 -7.09
C ALA B 97 16.77 25.49 -8.39
N ILE B 98 15.66 24.84 -8.68
CA ILE B 98 15.54 23.97 -9.84
C ILE B 98 14.79 24.68 -10.96
N ASN B 99 15.37 24.66 -12.16
CA ASN B 99 14.73 25.25 -13.33
C ASN B 99 14.82 24.32 -14.54
N LEU B 100 13.84 24.42 -15.44
CA LEU B 100 13.89 23.72 -16.72
C LEU B 100 14.89 24.38 -17.67
N THR B 101 15.59 23.57 -18.44
CA THR B 101 16.27 24.08 -19.62
C THR B 101 15.23 24.44 -20.68
N GLU B 102 15.64 25.16 -21.73
CA GLU B 102 14.76 25.42 -22.87
C GLU B 102 14.18 24.11 -23.35
N MSE B 103 14.99 23.07 -23.30
CA MSE B 103 14.54 21.78 -23.77
C MSE B 103 13.53 21.14 -22.85
O MSE B 103 12.66 20.43 -23.30
CB MSE B 103 15.71 20.84 -24.02
CG MSE B 103 16.11 20.71 -25.53
SE MSE B 103 14.81 20.61 -27.04
CE MSE B 103 14.61 18.76 -27.02
N GLY B 104 13.65 21.38 -21.55
CA GLY B 104 12.64 20.95 -20.61
C GLY B 104 11.34 21.67 -20.90
N GLN B 105 11.41 22.99 -21.12
CA GLN B 105 10.22 23.75 -21.45
C GLN B 105 9.58 23.29 -22.75
N GLU B 106 10.41 22.92 -23.72
CA GLU B 106 9.90 22.40 -25.00
C GLU B 106 9.15 21.09 -24.82
N LEU B 107 9.72 20.19 -24.03
CA LEU B 107 9.06 18.93 -23.74
C LEU B 107 7.63 19.13 -23.23
N TYR B 108 7.48 20.03 -22.26
CA TYR B 108 6.16 20.32 -21.72
C TYR B 108 5.21 20.81 -22.80
N GLU B 109 5.70 21.73 -23.64
CA GLU B 109 4.85 22.33 -24.65
C GLU B 109 4.50 21.34 -25.76
N VAL B 110 5.50 20.59 -26.21
CA VAL B 110 5.28 19.64 -27.29
C VAL B 110 4.37 18.51 -26.83
N ALA B 111 4.64 17.96 -25.65
CA ALA B 111 3.83 16.85 -25.18
C ALA B 111 2.39 17.29 -24.93
N SER B 112 2.21 18.54 -24.49
CA SER B 112 0.86 19.11 -24.33
C SER B 112 0.18 19.30 -25.67
N ASP B 113 0.91 19.89 -26.63
CA ASP B 113 0.36 20.17 -27.95
C ASP B 113 -0.03 18.86 -28.64
N PHE B 114 0.75 17.80 -28.43
CA PHE B 114 0.41 16.49 -28.98
C PHE B 114 -0.81 15.83 -28.37
N ALA B 115 -1.20 16.27 -27.19
CA ALA B 115 -2.32 15.66 -26.50
C ALA B 115 -3.65 16.44 -26.66
N ILE B 116 -3.75 17.28 -27.68
CA ILE B 116 -4.94 18.12 -27.84
C ILE B 116 -6.24 17.36 -27.98
N GLU B 117 -6.18 16.11 -28.44
CA GLU B 117 -7.41 15.33 -28.63
C GLU B 117 -8.07 15.04 -27.30
N ARG B 118 -7.27 14.93 -26.26
CA ARG B 118 -7.78 14.78 -24.91
C ARG B 118 -8.46 16.08 -24.46
N GLU B 119 -7.93 17.22 -24.90
CA GLU B 119 -8.56 18.50 -24.60
C GLU B 119 -9.93 18.67 -25.27
N LYS B 120 -10.05 18.16 -26.49
CA LYS B 120 -11.33 18.24 -27.20
C LYS B 120 -12.36 17.34 -26.53
N GLN B 121 -11.90 16.17 -26.11
CA GLN B 121 -12.72 15.26 -25.34
C GLN B 121 -13.18 15.93 -24.04
N LEU B 122 -12.24 16.54 -23.33
CA LEU B 122 -12.55 17.17 -22.06
C LEU B 122 -13.65 18.22 -22.20
N LEU B 123 -13.60 18.96 -23.29
CA LEU B 123 -14.48 20.10 -23.49
C LEU B 123 -15.66 19.77 -24.40
N GLU B 124 -15.88 18.46 -24.62
CA GLU B 124 -16.96 17.95 -25.47
C GLU B 124 -18.33 18.56 -25.18
N GLU B 125 -18.69 18.69 -23.90
CA GLU B 125 -20.02 19.17 -23.55
C GLU B 125 -20.08 20.69 -23.45
N PHE B 126 -19.06 21.38 -23.94
CA PHE B 126 -19.02 22.84 -23.88
C PHE B 126 -19.36 23.47 -25.23
N GLU B 127 -20.32 24.39 -25.25
CA GLU B 127 -20.54 25.21 -26.44
C GLU B 127 -19.36 26.16 -26.57
N GLU B 128 -19.23 26.81 -27.72
CA GLU B 128 -18.13 27.75 -27.93
C GLU B 128 -18.15 28.87 -26.92
N ALA B 129 -19.34 29.39 -26.62
CA ALA B 129 -19.45 30.49 -25.68
C ALA B 129 -18.99 30.08 -24.28
N GLU B 130 -19.22 28.82 -23.92
CA GLU B 130 -18.80 28.33 -22.62
C GLU B 130 -17.27 28.16 -22.56
N LYS B 131 -16.69 27.65 -23.64
CA LYS B 131 -15.24 27.56 -23.73
C LYS B 131 -14.63 28.93 -23.57
N ASP B 132 -15.19 29.91 -24.26
CA ASP B 132 -14.70 31.28 -24.12
C ASP B 132 -14.72 31.74 -22.68
N GLN B 133 -15.86 31.53 -22.00
CA GLN B 133 -15.98 31.92 -20.60
C GLN B 133 -14.95 31.20 -19.74
N LEU B 134 -14.78 29.90 -19.96
CA LEU B 134 -13.83 29.13 -19.19
C LEU B 134 -12.45 29.76 -19.28
N PHE B 135 -12.00 30.09 -20.50
CA PHE B 135 -10.66 30.65 -20.64
C PHE B 135 -10.53 32.09 -20.14
N ILE B 136 -11.61 32.86 -20.24
CA ILE B 136 -11.61 34.19 -19.65
C ILE B 136 -11.40 34.08 -18.14
N LEU B 137 -12.10 33.16 -17.51
CA LEU B 137 -12.03 33.03 -16.04
C LEU B 137 -10.68 32.46 -15.59
N LEU B 138 -10.14 31.52 -16.33
CA LEU B 138 -8.85 30.94 -15.97
C LEU B 138 -7.77 32.01 -16.08
N LYS B 139 -7.88 32.87 -17.08
CA LYS B 139 -6.93 33.97 -17.22
C LYS B 139 -7.01 34.95 -16.03
N LYS B 140 -8.22 35.30 -15.61
CA LYS B 140 -8.33 36.13 -14.40
C LYS B 140 -7.63 35.46 -13.21
N LEU B 141 -7.83 34.15 -13.07
CA LEU B 141 -7.21 33.42 -11.96
C LEU B 141 -5.67 33.44 -12.05
N ARG B 142 -5.12 33.14 -13.22
CA ARG B 142 -3.67 33.12 -13.35
C ARG B 142 -3.08 34.51 -13.10
N ASN B 143 -3.77 35.53 -13.59
CA ASN B 143 -3.33 36.90 -13.35
C ASN B 143 -3.24 37.19 -11.86
N LYS B 144 -4.24 36.76 -11.10
CA LYS B 144 -4.25 37.04 -9.68
C LYS B 144 -3.17 36.21 -8.95
N VAL B 145 -3.02 34.95 -9.35
CA VAL B 145 -2.02 34.10 -8.70
C VAL B 145 -0.63 34.73 -8.85
N ASP B 146 -0.35 35.29 -10.01
CA ASP B 146 0.92 36.01 -10.24
C ASP B 146 1.16 37.13 -9.22
N GLN B 147 0.08 37.74 -8.74
CA GLN B 147 0.22 38.83 -7.79
C GLN B 147 0.27 38.39 -6.31
N MSE B 148 0.08 37.09 -6.01
CA MSE B 148 -0.10 36.66 -4.62
C MSE B 148 1.16 36.33 -3.82
O MSE B 148 2.19 36.05 -4.39
CB MSE B 148 -1.08 35.47 -4.54
CG MSE B 148 -2.51 35.90 -4.74
SE MSE B 148 -3.76 34.43 -4.83
CE MSE B 148 -3.62 33.78 -3.01
N ILE C 7 -1.16 2.25 -3.19
CA ILE C 7 -0.03 2.35 -2.27
C ILE C 7 1.06 1.32 -2.61
N ASN C 8 2.30 1.78 -2.66
CA ASN C 8 3.40 0.92 -3.09
C ASN C 8 4.07 0.18 -1.92
N ILE C 9 3.95 -1.14 -1.94
CA ILE C 9 4.56 -1.96 -0.90
C ILE C 9 5.55 -2.95 -1.51
N ASP C 10 6.02 -2.63 -2.72
CA ASP C 10 7.03 -3.42 -3.41
C ASP C 10 8.29 -3.62 -2.57
N ARG C 11 8.69 -2.59 -1.83
CA ARG C 11 9.91 -2.67 -1.04
C ARG C 11 9.57 -2.90 0.42
N HIS C 12 8.39 -3.45 0.68
CA HIS C 12 7.98 -3.81 2.03
C HIS C 12 8.22 -5.32 2.21
N ALA C 13 9.29 -5.67 2.91
CA ALA C 13 9.74 -7.06 3.02
C ALA C 13 8.68 -7.94 3.66
N THR C 14 8.14 -7.49 4.78
CA THR C 14 7.08 -8.24 5.46
C THR C 14 5.90 -8.50 4.52
N ALA C 15 5.45 -7.46 3.84
CA ALA C 15 4.28 -7.57 2.95
C ALA C 15 4.59 -8.53 1.80
N GLN C 16 5.74 -8.35 1.16
CA GLN C 16 6.10 -9.21 0.05
C GLN C 16 6.19 -10.67 0.50
N ILE C 17 6.82 -10.90 1.64
CA ILE C 17 7.03 -12.26 2.12
C ILE C 17 5.69 -12.89 2.51
N ASN C 18 4.82 -12.08 3.12
CA ASN C 18 3.51 -12.60 3.51
C ASN C 18 2.58 -12.92 2.34
N MSE C 19 2.62 -12.11 1.29
CA MSE C 19 1.76 -12.40 0.15
C MSE C 19 2.28 -13.60 -0.63
O MSE C 19 1.51 -14.39 -1.15
CB MSE C 19 1.67 -11.19 -0.75
CG MSE C 19 0.91 -10.07 -0.09
SE MSE C 19 0.42 -8.77 -1.40
CE MSE C 19 2.16 -7.84 -1.52
N LEU C 20 3.61 -13.71 -0.70
CA LEU C 20 4.23 -14.88 -1.30
C LEU C 20 3.82 -16.12 -0.53
N ALA C 21 4.12 -16.11 0.77
CA ALA C 21 3.85 -17.26 1.63
C ALA C 21 2.37 -17.63 1.63
N ASN C 22 1.49 -16.64 1.81
CA ASN C 22 0.06 -16.93 1.81
C ASN C 22 -0.45 -17.56 0.51
N LYS C 23 -0.03 -17.03 -0.63
CA LYS C 23 -0.50 -17.60 -1.88
C LYS C 23 0.06 -19.00 -2.11
N LEU C 24 1.34 -19.20 -1.79
CA LEU C 24 1.95 -20.52 -1.89
C LEU C 24 1.21 -21.51 -0.98
N MSE C 25 0.94 -21.10 0.25
CA MSE C 25 0.22 -21.96 1.18
C MSE C 25 -1.20 -22.27 0.73
O MSE C 25 -1.64 -23.42 0.81
CB MSE C 25 0.24 -21.39 2.60
CG MSE C 25 1.60 -21.61 3.32
SE MSE C 25 1.56 -21.10 5.19
CE MSE C 25 1.43 -19.18 4.96
N LEU C 26 -1.93 -21.26 0.25
CA LEU C 26 -3.29 -21.51 -0.27
C LEU C 26 -3.27 -22.53 -1.40
N LYS C 27 -2.35 -22.36 -2.37
CA LYS C 27 -2.28 -23.32 -3.48
C LYS C 27 -1.92 -24.69 -2.97
N SER C 28 -1.01 -24.74 -1.99
CA SER C 28 -0.59 -26.02 -1.42
C SER C 28 -1.71 -26.67 -0.62
N SER C 29 -2.53 -25.86 0.03
CA SER C 29 -3.68 -26.38 0.75
C SER C 29 -4.53 -27.19 -0.24
N THR C 30 -4.83 -26.61 -1.40
CA THR C 30 -5.62 -27.30 -2.41
C THR C 30 -4.88 -28.55 -2.88
N ALA C 31 -3.61 -28.41 -3.20
CA ALA C 31 -2.85 -29.51 -3.79
C ALA C 31 -2.80 -30.72 -2.89
N TYR C 32 -2.38 -30.51 -1.63
CA TYR C 32 -2.29 -31.62 -0.68
C TYR C 32 -3.64 -32.21 -0.36
N THR C 33 -4.65 -31.35 -0.27
CA THR C 33 -5.98 -31.85 0.04
C THR C 33 -6.50 -32.75 -1.08
N GLN C 34 -6.31 -32.32 -2.32
CA GLN C 34 -6.82 -33.08 -3.46
C GLN C 34 -6.01 -34.35 -3.72
N LYS C 35 -4.71 -34.30 -3.43
CA LYS C 35 -3.86 -35.41 -3.76
C LYS C 35 -3.74 -36.43 -2.61
N PHE C 36 -3.79 -35.96 -1.37
CA PHE C 36 -3.44 -36.81 -0.23
C PHE C 36 -4.45 -36.77 0.86
N GLY C 37 -5.47 -35.93 0.69
CA GLY C 37 -6.50 -35.82 1.70
C GLY C 37 -6.09 -35.17 3.00
N ILE C 38 -5.00 -34.38 3.01
CA ILE C 38 -4.61 -33.64 4.21
C ILE C 38 -4.40 -32.18 3.84
N GLY C 39 -4.49 -31.28 4.80
CA GLY C 39 -4.21 -29.87 4.55
C GLY C 39 -2.73 -29.56 4.55
N MSE C 40 -2.38 -28.35 4.14
CA MSE C 40 -0.99 -27.91 4.08
C MSE C 40 -0.35 -27.93 5.47
O MSE C 40 0.80 -28.33 5.66
CB MSE C 40 -0.93 -26.48 3.48
CG MSE C 40 0.43 -25.75 3.63
SE MSE C 40 1.78 -26.90 2.74
CE MSE C 40 3.16 -25.59 2.34
N THR C 41 -1.11 -27.49 6.47
CA THR C 41 -0.55 -27.45 7.82
C THR C 41 -0.32 -28.84 8.40
N GLU C 42 -1.24 -29.76 8.13
CA GLU C 42 -0.99 -31.17 8.44
C GLU C 42 0.30 -31.66 7.81
N TRP C 43 0.48 -31.39 6.53
CA TRP C 43 1.71 -31.78 5.81
C TRP C 43 2.97 -31.16 6.44
N ARG C 44 2.93 -29.87 6.78
CA ARG C 44 4.10 -29.23 7.39
C ARG C 44 4.51 -29.95 8.66
N ILE C 45 3.53 -30.35 9.46
CA ILE C 45 3.84 -31.02 10.72
C ILE C 45 4.37 -32.44 10.50
N ILE C 46 3.71 -33.19 9.62
CA ILE C 46 4.16 -34.53 9.27
C ILE C 46 5.62 -34.48 8.81
N SER C 47 5.95 -33.50 7.98
N SER C 47 5.94 -33.50 7.99
CA SER C 47 7.30 -33.40 7.48
CA SER C 47 7.30 -33.38 7.47
C SER C 47 8.27 -33.14 8.63
C SER C 47 8.30 -33.07 8.59
N VAL C 48 7.88 -32.29 9.57
CA VAL C 48 8.74 -32.03 10.74
C VAL C 48 8.94 -33.31 11.55
N LEU C 49 7.87 -34.05 11.78
CA LEU C 49 7.95 -35.29 12.56
C LEU C 49 8.86 -36.33 11.87
N SER C 50 8.94 -36.32 10.55
CA SER C 50 9.77 -37.33 9.89
C SER C 50 11.25 -37.01 10.05
N SER C 51 11.56 -35.76 10.37
CA SER C 51 12.92 -35.21 10.29
C SER C 51 13.58 -35.13 11.64
N ALA C 52 12.78 -35.03 12.69
CA ALA C 52 13.35 -34.69 13.97
C ALA C 52 12.96 -35.65 15.06
N SER C 53 13.75 -35.59 16.11
CA SER C 53 13.53 -36.41 17.29
C SER C 53 12.96 -35.53 18.40
N ASP C 54 12.26 -36.20 19.33
CA ASP C 54 11.66 -35.56 20.48
C ASP C 54 10.90 -34.31 20.09
N CYS C 55 9.95 -34.46 19.17
CA CYS C 55 9.09 -33.36 18.82
C CYS C 55 7.98 -33.17 19.82
N SER C 56 8.17 -32.21 20.73
CA SER C 56 7.08 -31.73 21.56
C SER C 56 6.30 -30.72 20.73
N VAL C 57 5.16 -30.28 21.23
CA VAL C 57 4.43 -29.19 20.58
C VAL C 57 5.31 -27.95 20.52
N GLN C 58 6.06 -27.68 21.59
CA GLN C 58 6.99 -26.55 21.59
C GLN C 58 8.00 -26.62 20.44
N LYS C 59 8.65 -27.77 20.28
CA LYS C 59 9.65 -27.91 19.23
C LYS C 59 9.03 -27.74 17.82
N ILE C 60 7.84 -28.28 17.60
CA ILE C 60 7.19 -28.16 16.30
C ILE C 60 6.86 -26.68 16.02
N SER C 61 6.34 -26.00 17.03
CA SER C 61 6.05 -24.56 16.92
C SER C 61 7.31 -23.73 16.63
N ASP C 62 8.38 -24.05 17.33
CA ASP C 62 9.64 -23.33 17.14
C ASP C 62 10.12 -23.48 15.70
N ILE C 63 9.99 -24.69 15.18
CA ILE C 63 10.43 -24.97 13.82
C ILE C 63 9.56 -24.31 12.75
N LEU C 64 8.24 -24.38 12.92
CA LEU C 64 7.34 -23.93 11.87
C LEU C 64 6.98 -22.43 11.95
N GLY C 65 7.05 -21.86 13.14
CA GLY C 65 6.56 -20.50 13.35
C GLY C 65 5.07 -20.38 13.59
N LEU C 66 4.34 -21.51 13.58
CA LEU C 66 2.94 -21.47 13.96
C LEU C 66 2.90 -21.50 15.46
N ASP C 67 1.95 -20.78 16.07
CA ASP C 67 1.85 -20.80 17.52
C ASP C 67 1.45 -22.15 18.08
N LYS C 68 1.62 -22.32 19.37
CA LYS C 68 1.41 -23.59 20.02
C LYS C 68 -0.02 -24.08 19.91
N ALA C 69 -0.97 -23.15 19.92
CA ALA C 69 -2.39 -23.49 19.85
C ALA C 69 -2.69 -24.13 18.49
N ALA C 70 -2.12 -23.55 17.43
CA ALA C 70 -2.28 -24.07 16.08
C ALA C 70 -1.67 -25.47 15.94
N VAL C 71 -0.46 -25.66 16.48
CA VAL C 71 0.21 -26.97 16.41
C VAL C 71 -0.58 -28.00 17.18
N SER C 72 -0.99 -27.62 18.38
CA SER C 72 -1.76 -28.53 19.22
C SER C 72 -3.06 -28.97 18.54
N ARG C 73 -3.78 -28.02 17.95
N ARG C 73 -3.79 -28.01 17.97
N ARG C 73 -3.80 -28.03 17.96
CA ARG C 73 -5.01 -28.32 17.25
CA ARG C 73 -5.01 -28.31 17.24
CA ARG C 73 -5.04 -28.38 17.27
C ARG C 73 -4.77 -29.28 16.08
C ARG C 73 -4.74 -29.31 16.11
C ARG C 73 -4.80 -29.27 16.04
N THR C 74 -3.70 -29.04 15.34
CA THR C 74 -3.41 -29.85 14.17
C THR C 74 -2.92 -31.23 14.61
N VAL C 75 -2.13 -31.29 15.67
CA VAL C 75 -1.62 -32.58 16.11
C VAL C 75 -2.78 -33.45 16.58
N LYS C 76 -3.76 -32.84 17.26
N LYS C 76 -3.74 -32.84 17.26
CA LYS C 76 -4.96 -33.57 17.65
CA LYS C 76 -4.98 -33.51 17.65
C LYS C 76 -5.72 -34.12 16.44
C LYS C 76 -5.71 -34.11 16.44
N LYS C 77 -5.86 -33.31 15.40
CA LYS C 77 -6.52 -33.79 14.18
C LYS C 77 -5.75 -34.99 13.60
N LEU C 78 -4.42 -34.89 13.58
CA LEU C 78 -3.59 -35.96 13.03
C LEU C 78 -3.66 -37.21 13.89
N GLU C 79 -3.86 -37.02 15.20
CA GLU C 79 -4.10 -38.17 16.08
C GLU C 79 -5.42 -38.86 15.74
N GLU C 80 -6.47 -38.07 15.52
CA GLU C 80 -7.78 -38.61 15.14
C GLU C 80 -7.72 -39.35 13.80
N LYS C 81 -6.90 -38.86 12.88
CA LYS C 81 -6.75 -39.49 11.56
C LYS C 81 -5.76 -40.64 11.58
N LYS C 82 -5.17 -40.86 12.75
CA LYS C 82 -4.27 -41.99 13.01
C LYS C 82 -2.94 -41.87 12.28
N TYR C 83 -2.55 -40.63 11.97
CA TYR C 83 -1.23 -40.35 11.39
C TYR C 83 -0.12 -40.15 12.43
N ILE C 84 -0.50 -39.72 13.63
CA ILE C 84 0.47 -39.52 14.69
C ILE C 84 -0.02 -40.16 15.96
N GLU C 85 0.89 -40.34 16.91
CA GLU C 85 0.50 -40.81 18.23
C GLU C 85 1.37 -40.10 19.24
N VAL C 86 0.84 -39.90 20.44
CA VAL C 86 1.59 -39.27 21.51
C VAL C 86 2.44 -40.33 22.16
N ASN C 87 3.74 -40.07 22.25
CA ASN C 87 4.66 -41.00 22.88
C ASN C 87 5.01 -40.46 24.25
N GLY C 88 4.51 -41.12 25.29
CA GLY C 88 4.68 -40.62 26.65
C GLY C 88 6.08 -40.75 27.20
N HIS C 89 6.85 -41.70 26.67
CA HIS C 89 8.15 -42.01 27.23
C HIS C 89 8.01 -42.16 28.75
N SER C 90 7.03 -42.96 29.16
CA SER C 90 6.70 -43.10 30.58
C SER C 90 7.92 -43.48 31.41
N GLU C 91 8.72 -44.43 30.91
CA GLU C 91 9.86 -44.92 31.67
C GLU C 91 11.20 -44.27 31.28
N ASP C 92 11.16 -43.01 30.86
CA ASP C 92 12.38 -42.30 30.46
C ASP C 92 12.48 -40.92 31.12
N LYS C 93 13.71 -40.49 31.38
CA LYS C 93 13.95 -39.19 31.98
C LYS C 93 13.85 -38.08 30.92
N ARG C 94 12.69 -38.05 30.27
CA ARG C 94 12.44 -37.11 29.18
C ARG C 94 10.93 -36.84 29.03
N THR C 95 10.59 -35.75 28.36
CA THR C 95 9.20 -35.41 28.15
C THR C 95 8.51 -36.29 27.12
N TYR C 96 7.20 -36.11 26.99
CA TYR C 96 6.43 -36.76 25.96
C TYR C 96 7.01 -36.35 24.59
N ALA C 97 6.66 -37.09 23.56
CA ALA C 97 7.00 -36.67 22.19
C ALA C 97 5.85 -37.04 21.26
N ILE C 98 5.74 -36.33 20.15
CA ILE C 98 4.76 -36.69 19.11
C ILE C 98 5.51 -37.51 18.06
N ASN C 99 4.95 -38.66 17.68
CA ASN C 99 5.57 -39.51 16.64
C ASN C 99 4.59 -39.85 15.52
N LEU C 100 5.10 -40.02 14.31
CA LEU C 100 4.30 -40.57 13.22
C LEU C 100 3.91 -42.01 13.54
N THR C 101 2.70 -42.42 13.22
CA THR C 101 2.37 -43.84 13.27
C THR C 101 3.00 -44.49 12.03
N GLU C 102 2.84 -45.81 11.87
CA GLU C 102 3.28 -46.45 10.63
C GLU C 102 2.57 -45.85 9.42
N MSE C 103 1.28 -45.55 9.54
CA MSE C 103 0.55 -44.90 8.45
C MSE C 103 1.05 -43.48 8.17
O MSE C 103 1.12 -43.05 7.02
CB MSE C 103 -0.95 -44.90 8.68
CG MSE C 103 -1.72 -44.31 7.49
SE MSE C 103 -3.66 -44.65 7.50
CE MSE C 103 -3.78 -45.65 9.15
N GLY C 104 1.41 -42.73 9.22
CA GLY C 104 1.97 -41.40 9.00
C GLY C 104 3.32 -41.48 8.31
N GLN C 105 4.12 -42.48 8.64
CA GLN C 105 5.39 -42.67 7.95
C GLN C 105 5.17 -43.02 6.46
N GLU C 106 4.15 -43.83 6.18
CA GLU C 106 3.83 -44.20 4.78
C GLU C 106 3.36 -42.96 4.03
N LEU C 107 2.52 -42.16 4.68
CA LEU C 107 2.06 -40.90 4.09
C LEU C 107 3.27 -40.04 3.73
N TYR C 108 4.19 -39.90 4.68
CA TYR C 108 5.37 -39.08 4.42
C TYR C 108 6.15 -39.61 3.21
N GLU C 109 6.31 -40.93 3.19
CA GLU C 109 7.02 -41.60 2.12
C GLU C 109 6.42 -41.23 0.77
N VAL C 110 5.10 -41.35 0.64
CA VAL C 110 4.46 -41.03 -0.63
C VAL C 110 4.30 -39.52 -0.92
N ALA C 111 4.03 -38.71 0.09
CA ALA C 111 3.79 -37.27 -0.15
C ALA C 111 5.08 -36.47 -0.30
N SER C 112 6.19 -37.00 0.22
CA SER C 112 7.44 -36.24 0.16
C SER C 112 7.89 -36.05 -1.29
N ASP C 113 7.61 -37.02 -2.15
CA ASP C 113 7.93 -36.88 -3.57
C ASP C 113 7.24 -35.68 -4.21
N PHE C 114 5.98 -35.50 -3.83
CA PHE C 114 5.18 -34.39 -4.29
C PHE C 114 5.74 -33.06 -3.75
N ALA C 115 6.12 -33.04 -2.48
CA ALA C 115 6.74 -31.86 -1.88
C ALA C 115 8.04 -31.49 -2.62
N ILE C 116 8.81 -32.50 -2.95
CA ILE C 116 10.08 -32.29 -3.64
C ILE C 116 9.85 -31.71 -5.04
N GLU C 117 8.86 -32.24 -5.75
CA GLU C 117 8.52 -31.70 -7.06
C GLU C 117 8.03 -30.25 -7.01
N ARG C 118 7.21 -29.92 -6.02
CA ARG C 118 6.72 -28.54 -5.87
C ARG C 118 7.85 -27.55 -5.56
N GLU C 119 8.85 -27.99 -4.79
CA GLU C 119 9.97 -27.14 -4.42
C GLU C 119 10.85 -26.92 -5.64
N LYS C 120 11.09 -27.98 -6.38
CA LYS C 120 11.80 -27.89 -7.65
C LYS C 120 11.11 -26.90 -8.58
N GLN C 121 9.78 -26.98 -8.67
CA GLN C 121 9.05 -26.06 -9.51
C GLN C 121 9.21 -24.61 -9.06
N LEU C 122 9.09 -24.36 -7.76
CA LEU C 122 9.22 -23.01 -7.20
C LEU C 122 10.56 -22.35 -7.59
N LEU C 123 11.63 -23.14 -7.61
CA LEU C 123 12.97 -22.62 -7.90
C LEU C 123 13.43 -22.86 -9.35
N GLU C 124 12.52 -23.31 -10.21
CA GLU C 124 12.81 -23.63 -11.63
C GLU C 124 13.65 -22.60 -12.36
N GLU C 125 13.35 -21.34 -12.12
CA GLU C 125 14.04 -20.24 -12.80
C GLU C 125 15.26 -19.69 -12.05
N PHE C 126 15.69 -20.37 -10.99
CA PHE C 126 16.82 -19.87 -10.21
C PHE C 126 18.11 -20.53 -10.69
N GLU C 127 19.16 -19.74 -10.86
CA GLU C 127 20.50 -20.30 -11.03
C GLU C 127 20.98 -20.78 -9.65
N GLU C 128 21.96 -21.67 -9.65
CA GLU C 128 22.48 -22.23 -8.41
C GLU C 128 22.88 -21.18 -7.38
N ALA C 129 23.58 -20.13 -7.81
CA ALA C 129 24.01 -19.08 -6.91
C ALA C 129 22.83 -18.24 -6.38
N GLU C 130 21.76 -18.17 -7.15
CA GLU C 130 20.57 -17.43 -6.72
C GLU C 130 19.89 -18.21 -5.61
N LYS C 131 19.82 -19.53 -5.76
CA LYS C 131 19.31 -20.37 -4.67
C LYS C 131 20.15 -20.17 -3.43
N ASP C 132 21.48 -20.24 -3.56
CA ASP C 132 22.34 -20.04 -2.37
C ASP C 132 22.11 -18.66 -1.74
N GLN C 133 22.06 -17.64 -2.58
CA GLN C 133 21.80 -16.30 -2.11
C GLN C 133 20.45 -16.20 -1.37
N LEU C 134 19.43 -16.90 -1.90
CA LEU C 134 18.11 -16.90 -1.27
C LEU C 134 18.15 -17.44 0.17
N PHE C 135 18.75 -18.62 0.35
CA PHE C 135 18.83 -19.20 1.69
C PHE C 135 19.58 -18.33 2.69
N ILE C 136 20.62 -17.67 2.20
CA ILE C 136 21.41 -16.80 3.06
C ILE C 136 20.58 -15.58 3.50
N LEU C 137 19.90 -14.94 2.55
CA LEU C 137 19.11 -13.75 2.89
C LEU C 137 17.92 -14.08 3.80
N LEU C 138 17.26 -15.21 3.57
CA LEU C 138 16.15 -15.61 4.46
C LEU C 138 16.68 -15.85 5.88
N LYS C 139 17.85 -16.45 5.98
CA LYS C 139 18.41 -16.71 7.29
C LYS C 139 18.80 -15.40 7.99
N LYS C 140 19.36 -14.46 7.24
CA LYS C 140 19.58 -13.12 7.79
C LYS C 140 18.28 -12.48 8.31
N LEU C 141 17.21 -12.58 7.53
CA LEU C 141 15.90 -12.07 7.99
C LEU C 141 15.43 -12.77 9.26
N ARG C 142 15.58 -14.09 9.26
N ARG C 142 15.50 -14.10 9.29
CA ARG C 142 15.21 -14.99 10.35
CA ARG C 142 15.09 -14.83 10.48
C ARG C 142 15.95 -14.67 11.66
C ARG C 142 15.89 -14.30 11.67
N ASN C 143 17.20 -14.22 11.52
CA ASN C 143 18.05 -13.81 12.64
C ASN C 143 17.61 -12.46 13.21
N LYS C 144 17.26 -11.53 12.33
CA LYS C 144 16.77 -10.24 12.78
C LYS C 144 15.40 -10.39 13.47
N VAL C 145 14.52 -11.21 12.90
CA VAL C 145 13.19 -11.40 13.48
C VAL C 145 13.29 -11.89 14.91
N ASP C 146 14.17 -12.87 15.13
CA ASP C 146 14.40 -13.40 16.47
C ASP C 146 14.79 -12.31 17.44
N GLN C 147 15.33 -11.20 16.93
CA GLN C 147 15.75 -10.10 17.77
C GLN C 147 14.64 -9.08 18.03
N MSE C 148 13.51 -9.25 17.35
CA MSE C 148 12.40 -8.31 17.44
C MSE C 148 11.21 -8.94 18.15
O MSE C 148 11.18 -9.02 19.37
CB MSE C 148 11.99 -7.81 16.06
CG MSE C 148 13.12 -7.19 15.27
SE MSE C 148 12.58 -6.74 13.46
CE MSE C 148 11.34 -8.21 13.16
N ILE D 7 5.05 27.47 -28.70
CA ILE D 7 3.82 26.74 -28.93
C ILE D 7 2.67 27.28 -28.08
N ASN D 8 1.51 27.46 -28.70
CA ASN D 8 0.38 28.09 -28.01
C ASN D 8 -0.54 27.08 -27.32
N ILE D 9 -0.56 27.15 -25.99
CA ILE D 9 -1.42 26.29 -25.20
C ILE D 9 -2.41 27.16 -24.39
N ASP D 10 -2.68 28.36 -24.90
CA ASP D 10 -3.63 29.27 -24.30
C ASP D 10 -5.02 28.67 -24.18
N ARG D 11 -5.42 27.88 -25.17
CA ARG D 11 -6.74 27.27 -25.18
C ARG D 11 -6.64 25.79 -24.85
N HIS D 12 -5.57 25.42 -24.17
CA HIS D 12 -5.37 24.06 -23.68
C HIS D 12 -5.84 24.04 -22.22
N ALA D 13 -7.02 23.49 -21.97
CA ALA D 13 -7.62 23.59 -20.65
C ALA D 13 -6.78 22.89 -19.58
N THR D 14 -6.35 21.67 -19.89
CA THR D 14 -5.53 20.93 -18.95
C THR D 14 -4.27 21.72 -18.56
N ALA D 15 -3.59 22.25 -19.56
CA ALA D 15 -2.35 22.98 -19.33
C ALA D 15 -2.60 24.25 -18.53
N GLN D 16 -3.64 24.99 -18.89
CA GLN D 16 -3.95 26.22 -18.17
C GLN D 16 -4.26 25.92 -16.70
N ILE D 17 -5.09 24.90 -16.48
CA ILE D 17 -5.52 24.56 -15.14
C ILE D 17 -4.32 24.04 -14.32
N ASN D 18 -3.46 23.28 -14.97
CA ASN D 18 -2.24 22.79 -14.31
C ASN D 18 -1.23 23.86 -13.96
N MSE D 19 -0.98 24.82 -14.85
CA MSE D 19 -0.06 25.92 -14.51
C MSE D 19 -0.65 26.77 -13.40
O MSE D 19 0.08 27.29 -12.56
CB MSE D 19 0.15 26.84 -15.69
CG MSE D 19 0.23 26.18 -17.03
SE MSE D 19 1.83 26.80 -17.88
CE MSE D 19 2.92 25.78 -16.68
N LEU D 20 -1.96 26.99 -13.45
CA LEU D 20 -2.64 27.78 -12.43
C LEU D 20 -2.50 27.07 -11.08
N ALA D 21 -2.93 25.82 -11.03
CA ALA D 21 -2.92 25.04 -9.80
C ALA D 21 -1.51 24.87 -9.25
N ASN D 22 -0.55 24.53 -10.11
CA ASN D 22 0.82 24.35 -9.66
C ASN D 22 1.41 25.61 -9.02
N LYS D 23 1.19 26.76 -9.66
CA LYS D 23 1.75 27.99 -9.13
C LYS D 23 1.07 28.39 -7.82
N LEU D 24 -0.26 28.25 -7.80
CA LEU D 24 -1.01 28.55 -6.59
C LEU D 24 -0.50 27.65 -5.44
N MSE D 25 -0.39 26.36 -5.72
CA MSE D 25 0.08 25.40 -4.72
C MSE D 25 1.52 25.71 -4.28
O MSE D 25 1.81 25.70 -3.08
CB MSE D 25 -0.03 23.95 -5.22
CG MSE D 25 -1.47 23.42 -5.13
SE MSE D 25 -1.65 21.52 -5.49
CE MSE D 25 -1.24 21.53 -7.39
N LEU D 26 2.41 26.00 -5.22
CA LEU D 26 3.78 26.40 -4.84
C LEU D 26 3.79 27.61 -3.89
N LYS D 27 3.05 28.65 -4.23
CA LYS D 27 3.02 29.82 -3.34
C LYS D 27 2.42 29.47 -1.99
N SER D 28 1.41 28.61 -2.01
CA SER D 28 0.74 28.22 -0.77
C SER D 28 1.64 27.33 0.08
N SER D 29 2.43 26.50 -0.57
CA SER D 29 3.41 25.69 0.13
C SER D 29 4.28 26.61 1.00
N THR D 30 4.82 27.67 0.40
CA THR D 30 5.65 28.62 1.13
C THR D 30 4.85 29.34 2.22
N ALA D 31 3.64 29.77 1.88
CA ALA D 31 2.84 30.55 2.83
C ALA D 31 2.51 29.74 4.08
N TYR D 32 1.99 28.53 3.89
CA TYR D 32 1.62 27.70 5.05
C TYR D 32 2.84 27.28 5.83
N THR D 33 3.94 27.04 5.12
CA THR D 33 5.15 26.62 5.80
C THR D 33 5.71 27.72 6.70
N GLN D 34 5.76 28.93 6.18
CA GLN D 34 6.29 30.07 6.92
C GLN D 34 5.36 30.46 8.05
N LYS D 35 4.06 30.40 7.79
CA LYS D 35 3.11 30.90 8.77
C LYS D 35 2.72 29.88 9.83
N PHE D 36 2.67 28.61 9.46
CA PHE D 36 2.08 27.58 10.33
C PHE D 36 2.94 26.36 10.50
N GLY D 37 4.09 26.34 9.83
CA GLY D 37 4.97 25.19 9.92
C GLY D 37 4.44 23.89 9.32
N ILE D 38 3.51 23.97 8.37
CA ILE D 38 3.05 22.76 7.67
C ILE D 38 3.06 23.04 6.17
N GLY D 39 3.10 22.00 5.35
CA GLY D 39 3.04 22.21 3.92
C GLY D 39 1.61 22.33 3.41
N MSE D 40 1.48 22.68 2.12
CA MSE D 40 0.17 22.89 1.49
C MSE D 40 -0.62 21.57 1.54
O MSE D 40 -1.85 21.55 1.86
CB MSE D 40 0.38 23.39 0.04
CG MSE D 40 -0.89 23.37 -0.87
SE MSE D 40 -2.26 24.48 0.04
CE MSE D 40 -3.46 24.75 -1.46
N THR D 41 0.04 20.45 1.27
CA THR D 41 -0.70 19.18 1.22
C THR D 41 -1.18 18.76 2.60
N GLU D 42 -0.35 19.00 3.60
CA GLU D 42 -0.81 18.82 4.98
C GLU D 42 -2.05 19.65 5.28
N TRP D 43 -2.01 20.93 4.94
CA TRP D 43 -3.18 21.79 5.09
C TRP D 43 -4.43 21.27 4.34
N ARG D 44 -4.27 20.83 3.10
CA ARG D 44 -5.43 20.34 2.35
C ARG D 44 -6.10 19.18 3.08
N ILE D 45 -5.29 18.31 3.65
CA ILE D 45 -5.84 17.16 4.35
C ILE D 45 -6.49 17.54 5.69
N ILE D 46 -5.81 18.38 6.46
CA ILE D 46 -6.37 18.88 7.72
C ILE D 46 -7.73 19.53 7.45
N SER D 47 -7.80 20.33 6.40
CA SER D 47 -9.04 21.00 6.04
C SER D 47 -10.13 19.96 5.66
N VAL D 48 -9.76 18.90 4.97
CA VAL D 48 -10.74 17.83 4.70
C VAL D 48 -11.20 17.15 5.99
N LEU D 49 -10.27 16.85 6.89
CA LEU D 49 -10.63 16.19 8.16
C LEU D 49 -11.55 17.07 8.99
N SER D 50 -11.43 18.38 8.84
CA SER D 50 -12.28 19.30 9.59
C SER D 50 -13.73 19.19 9.19
N SER D 51 -13.97 18.83 7.93
CA SER D 51 -15.25 19.01 7.28
C SER D 51 -16.05 17.71 7.17
N ALA D 52 -15.36 16.58 7.21
CA ALA D 52 -16.04 15.33 6.89
C ALA D 52 -15.95 14.32 8.01
N SER D 53 -16.83 13.33 7.92
CA SER D 53 -16.85 12.22 8.86
C SER D 53 -16.36 10.95 8.19
N ASP D 54 -16.19 9.96 8.98
CA ASP D 54 -15.03 9.31 8.97
C ASP D 54 -14.35 8.97 7.65
N CYS D 55 -13.35 9.80 7.52
CA CYS D 55 -12.35 9.97 6.49
C CYS D 55 -11.38 8.80 6.55
N SER D 56 -11.55 7.90 5.60
CA SER D 56 -10.53 6.88 5.34
C SER D 56 -9.55 7.53 4.38
N VAL D 57 -8.42 6.88 4.14
CA VAL D 57 -7.50 7.36 3.12
C VAL D 57 -8.21 7.41 1.78
N GLN D 58 -9.05 6.40 1.51
CA GLN D 58 -9.82 6.39 0.27
C GLN D 58 -10.66 7.67 0.12
N LYS D 59 -11.40 8.02 1.15
CA LYS D 59 -12.27 9.20 1.09
C LYS D 59 -11.48 10.50 0.90
N ILE D 60 -10.35 10.64 1.61
CA ILE D 60 -9.51 11.84 1.46
C ILE D 60 -8.99 11.95 0.02
N SER D 61 -8.52 10.82 -0.52
CA SER D 61 -8.04 10.76 -1.90
C SER D 61 -9.12 11.13 -2.91
N ASP D 62 -10.34 10.64 -2.68
CA ASP D 62 -11.44 10.92 -3.59
C ASP D 62 -11.78 12.39 -3.59
N ILE D 63 -11.71 13.00 -2.41
CA ILE D 63 -12.00 14.43 -2.29
C ILE D 63 -10.92 15.30 -2.91
N LEU D 64 -9.65 14.98 -2.66
CA LEU D 64 -8.57 15.88 -3.06
C LEU D 64 -8.05 15.63 -4.47
N GLY D 65 -8.17 14.39 -4.96
CA GLY D 65 -7.56 14.01 -6.22
C GLY D 65 -6.10 13.60 -6.13
N LEU D 66 -5.54 13.56 -4.92
CA LEU D 66 -4.20 13.04 -4.73
C LEU D 66 -4.36 11.56 -4.59
N ASP D 67 -3.42 10.80 -5.15
CA ASP D 67 -3.52 9.35 -5.05
C ASP D 67 -3.37 8.87 -3.62
N LYS D 68 -3.75 7.62 -3.39
CA LYS D 68 -3.76 7.05 -2.06
C LYS D 68 -2.39 7.05 -1.39
N ALA D 69 -1.35 6.86 -2.19
CA ALA D 69 0.02 6.77 -1.67
C ALA D 69 0.42 8.12 -1.08
N ALA D 70 0.07 9.18 -1.80
CA ALA D 70 0.32 10.54 -1.37
C ALA D 70 -0.43 10.87 -0.07
N VAL D 71 -1.70 10.48 0.00
CA VAL D 71 -2.50 10.75 1.19
C VAL D 71 -1.96 9.95 2.37
N SER D 72 -1.68 8.68 2.14
CA SER D 72 -1.17 7.81 3.20
C SER D 72 0.13 8.38 3.77
N ARG D 73 1.05 8.78 2.90
N ARG D 73 1.01 8.79 2.85
CA ARG D 73 2.31 9.34 3.38
CA ARG D 73 2.30 9.41 3.12
C ARG D 73 2.06 10.62 4.19
C ARG D 73 2.16 10.65 4.02
N THR D 74 1.19 11.49 3.70
CA THR D 74 0.98 12.74 4.41
C THR D 74 0.27 12.49 5.73
N VAL D 75 -0.69 11.56 5.73
CA VAL D 75 -1.39 11.26 6.97
C VAL D 75 -0.41 10.72 8.02
N LYS D 76 0.54 9.88 7.58
N LYS D 76 0.52 9.88 7.58
CA LYS D 76 1.61 9.40 8.45
CA LYS D 76 1.58 9.41 8.47
C LYS D 76 2.41 10.55 9.04
C LYS D 76 2.39 10.56 9.04
N LYS D 77 2.75 11.52 8.20
CA LYS D 77 3.52 12.68 8.66
C LYS D 77 2.73 13.43 9.72
N LEU D 78 1.43 13.61 9.48
CA LEU D 78 0.56 14.35 10.42
C LEU D 78 0.36 13.58 11.72
N GLU D 79 0.39 12.24 11.63
CA GLU D 79 0.38 11.44 12.85
C GLU D 79 1.64 11.68 13.68
N GLU D 80 2.80 11.69 13.02
CA GLU D 80 4.08 11.96 13.69
C GLU D 80 4.11 13.35 14.32
N LYS D 81 3.48 14.32 13.65
CA LYS D 81 3.44 15.71 14.16
C LYS D 81 2.32 15.90 15.17
N LYS D 82 1.55 14.84 15.38
CA LYS D 82 0.49 14.80 16.41
C LYS D 82 -0.70 15.67 16.08
N TYR D 83 -0.91 15.91 14.79
CA TYR D 83 -2.10 16.61 14.32
C TYR D 83 -3.29 15.72 14.04
N ILE D 84 -3.04 14.44 13.74
CA ILE D 84 -4.12 13.51 13.48
C ILE D 84 -3.86 12.24 14.25
N GLU D 85 -4.90 11.43 14.39
CA GLU D 85 -4.74 10.10 14.97
C GLU D 85 -5.64 9.15 14.20
N VAL D 86 -5.23 7.89 14.13
CA VAL D 86 -6.06 6.86 13.52
C VAL D 86 -7.10 6.42 14.53
N ASN D 87 -8.35 6.44 14.11
CA ASN D 87 -9.44 5.99 14.96
C ASN D 87 -9.89 4.62 14.48
N GLY D 88 -9.65 3.59 15.28
CA GLY D 88 -9.94 2.22 14.89
C GLY D 88 -11.42 1.89 14.80
N HIS D 89 -12.25 2.58 15.58
CA HIS D 89 -13.64 2.20 15.70
C HIS D 89 -13.72 0.70 15.97
N SER D 90 -12.91 0.23 16.91
CA SER D 90 -12.82 -1.19 17.20
C SER D 90 -14.18 -1.83 17.48
N GLU D 91 -15.05 -1.10 18.18
CA GLU D 91 -16.32 -1.64 18.65
C GLU D 91 -17.52 -1.30 17.77
N ASP D 92 -17.27 -0.75 16.58
CA ASP D 92 -18.35 -0.34 15.68
C ASP D 92 -18.30 -1.11 14.36
N LYS D 93 -19.46 -1.28 13.74
CA LYS D 93 -19.54 -1.97 12.45
C LYS D 93 -19.17 -1.03 11.31
N ARG D 94 -17.94 -0.54 11.35
CA ARG D 94 -17.48 0.46 10.39
C ARG D 94 -15.95 0.43 10.29
N THR D 95 -15.42 0.94 9.18
CA THR D 95 -13.98 0.95 9.00
C THR D 95 -13.27 1.92 9.96
N TYR D 96 -11.95 1.87 9.96
CA TYR D 96 -11.13 2.84 10.67
C TYR D 96 -11.43 4.24 10.11
N ALA D 97 -11.07 5.27 10.86
CA ALA D 97 -11.16 6.64 10.33
C ALA D 97 -9.96 7.45 10.76
N ILE D 98 -9.62 8.48 9.99
CA ILE D 98 -8.57 9.41 10.40
C ILE D 98 -9.26 10.62 11.03
N ASN D 99 -8.82 11.03 12.22
CA ASN D 99 -9.38 12.21 12.90
C ASN D 99 -8.30 13.22 13.31
N LEU D 100 -8.68 14.49 13.37
CA LEU D 100 -7.81 15.52 13.92
C LEU D 100 -7.65 15.28 15.41
N THR D 101 -6.47 15.51 15.95
CA THR D 101 -6.33 15.53 17.39
C THR D 101 -6.84 16.89 17.88
N GLU D 102 -6.79 17.10 19.19
CA GLU D 102 -7.13 18.42 19.74
C GLU D 102 -6.21 19.47 19.13
N MSE D 103 -4.93 19.17 19.03
CA MSE D 103 -3.99 20.10 18.42
C MSE D 103 -4.29 20.31 16.93
O MSE D 103 -4.18 21.44 16.42
CB MSE D 103 -2.54 19.67 18.59
CG MSE D 103 -1.56 20.76 18.13
SE MSE D 103 0.29 20.45 18.67
CE MSE D 103 0.75 19.00 17.45
N GLY D 104 -4.67 19.25 16.22
CA GLY D 104 -5.07 19.39 14.83
C GLY D 104 -6.29 20.29 14.67
N GLN D 105 -7.27 20.17 15.57
CA GLN D 105 -8.44 21.04 15.52
C GLN D 105 -8.06 22.51 15.79
N GLU D 106 -7.16 22.73 16.74
CA GLU D 106 -6.66 24.09 17.05
C GLU D 106 -5.95 24.67 15.82
N LEU D 107 -5.10 23.86 15.22
CA LEU D 107 -4.43 24.30 13.99
C LEU D 107 -5.46 24.70 12.95
N TYR D 108 -6.48 23.86 12.76
CA TYR D 108 -7.50 24.20 11.78
C TYR D 108 -8.15 25.54 12.10
N GLU D 109 -8.46 25.72 13.39
CA GLU D 109 -9.18 26.90 13.86
C GLU D 109 -8.39 28.13 13.47
N VAL D 110 -7.09 28.02 13.68
CA VAL D 110 -6.20 29.13 13.52
C VAL D 110 -5.79 29.36 12.04
N ALA D 111 -5.56 28.28 11.29
CA ALA D 111 -5.11 28.42 9.90
C ALA D 111 -6.26 28.66 8.92
N SER D 112 -7.49 28.33 9.31
CA SER D 112 -8.61 28.48 8.37
C SER D 112 -8.85 29.95 8.03
N ASP D 113 -8.57 30.86 8.97
CA ASP D 113 -8.70 32.29 8.67
C ASP D 113 -7.76 32.71 7.55
N PHE D 114 -6.57 32.14 7.56
CA PHE D 114 -5.57 32.43 6.54
C PHE D 114 -6.05 31.89 5.19
N ALA D 115 -6.58 30.66 5.19
CA ALA D 115 -7.13 30.04 3.98
C ALA D 115 -8.24 30.91 3.43
N ILE D 116 -9.08 31.41 4.31
CA ILE D 116 -10.22 32.23 3.90
C ILE D 116 -9.75 33.53 3.24
N GLU D 117 -8.75 34.17 3.83
CA GLU D 117 -8.17 35.39 3.24
C GLU D 117 -7.54 35.16 1.87
N ARG D 118 -6.83 34.05 1.73
CA ARG D 118 -6.18 33.73 0.45
C ARG D 118 -7.20 33.46 -0.67
N GLU D 119 -8.32 32.81 -0.32
CA GLU D 119 -9.38 32.54 -1.28
C GLU D 119 -10.04 33.85 -1.69
N LYS D 120 -10.25 34.72 -0.71
CA LYS D 120 -10.82 36.03 -0.95
C LYS D 120 -9.93 36.79 -1.93
N GLN D 121 -8.62 36.75 -1.67
CA GLN D 121 -7.65 37.41 -2.54
C GLN D 121 -7.71 36.86 -3.97
N LEU D 122 -7.70 35.54 -4.10
CA LEU D 122 -7.75 34.90 -5.41
C LEU D 122 -8.92 35.39 -6.27
N LEU D 123 -10.06 35.60 -5.62
CA LEU D 123 -11.30 35.99 -6.30
C LEU D 123 -11.61 37.50 -6.23
N GLU D 124 -10.67 38.29 -5.69
CA GLU D 124 -10.81 39.76 -5.57
C GLU D 124 -11.42 40.48 -6.78
N GLU D 125 -10.98 40.10 -7.97
CA GLU D 125 -11.43 40.78 -9.18
C GLU D 125 -12.67 40.17 -9.80
N PHE D 126 -13.29 39.20 -9.14
CA PHE D 126 -14.45 38.53 -9.71
C PHE D 126 -15.73 39.22 -9.26
N GLU D 127 -16.62 39.51 -10.20
CA GLU D 127 -17.98 39.87 -9.85
C GLU D 127 -18.70 38.62 -9.35
N GLU D 128 -19.80 38.79 -8.61
CA GLU D 128 -20.51 37.66 -8.03
C GLU D 128 -20.92 36.59 -9.06
N ALA D 129 -21.41 37.02 -10.21
CA ALA D 129 -21.87 36.09 -11.23
C ALA D 129 -20.69 35.36 -11.91
N GLU D 130 -19.51 35.99 -11.86
CA GLU D 130 -18.31 35.35 -12.41
C GLU D 130 -17.86 34.24 -11.49
N LYS D 131 -17.95 34.48 -10.19
CA LYS D 131 -17.69 33.42 -9.23
C LYS D 131 -18.66 32.27 -9.43
N ASP D 132 -19.96 32.56 -9.53
CA ASP D 132 -20.95 31.48 -9.77
C ASP D 132 -20.62 30.71 -11.05
N GLN D 133 -20.34 31.45 -12.12
CA GLN D 133 -19.99 30.85 -13.39
C GLN D 133 -18.75 29.95 -13.27
N LEU D 134 -17.75 30.39 -12.51
CA LEU D 134 -16.53 29.61 -12.32
C LEU D 134 -16.83 28.24 -11.70
N PHE D 135 -17.60 28.24 -10.60
CA PHE D 135 -17.92 26.98 -9.92
C PHE D 135 -18.72 26.02 -10.80
N ILE D 136 -19.61 26.57 -11.61
CA ILE D 136 -20.35 25.73 -12.55
C ILE D 136 -19.44 25.08 -13.61
N LEU D 137 -18.56 25.88 -14.20
CA LEU D 137 -17.68 25.36 -15.26
C LEU D 137 -16.65 24.35 -14.71
N LEU D 138 -16.12 24.61 -13.53
CA LEU D 138 -15.20 23.62 -12.92
C LEU D 138 -15.93 22.31 -12.66
N LYS D 139 -17.15 22.39 -12.19
CA LYS D 139 -17.92 21.18 -11.95
C LYS D 139 -18.24 20.44 -13.26
N LYS D 140 -18.56 21.18 -14.31
CA LYS D 140 -18.72 20.54 -15.63
C LYS D 140 -17.44 19.81 -16.06
N LEU D 141 -16.30 20.46 -15.88
CA LEU D 141 -15.02 19.79 -16.17
C LEU D 141 -14.81 18.54 -15.31
N ARG D 142 -15.03 18.66 -14.01
CA ARG D 142 -14.89 17.52 -13.14
C ARG D 142 -15.79 16.35 -13.56
N ASN D 143 -17.02 16.66 -13.96
CA ASN D 143 -17.93 15.62 -14.44
C ASN D 143 -17.39 14.88 -15.67
N LYS D 144 -16.84 15.62 -16.62
CA LYS D 144 -16.27 15.01 -17.81
C LYS D 144 -15.03 14.18 -17.45
N VAL D 145 -14.20 14.71 -16.54
CA VAL D 145 -12.98 14.02 -16.12
C VAL D 145 -13.31 12.66 -15.53
N ASP D 146 -14.33 12.62 -14.67
CA ASP D 146 -14.79 11.37 -14.07
C ASP D 146 -15.18 10.36 -15.13
N GLN D 147 -15.52 10.84 -16.33
CA GLN D 147 -15.92 9.93 -17.41
C GLN D 147 -14.73 9.43 -18.21
N MSE D 148 -13.61 10.15 -18.14
CA MSE D 148 -12.44 9.82 -18.96
C MSE D 148 -11.51 8.84 -18.24
O MSE D 148 -11.98 7.89 -17.62
CB MSE D 148 -11.67 11.11 -19.31
CG MSE D 148 -12.48 12.09 -20.13
SE MSE D 148 -11.54 13.77 -20.37
CE MSE D 148 -10.31 13.57 -18.87
S SO4 E . -5.18 -15.29 -8.02
O1 SO4 E . -5.08 -16.10 -6.81
O2 SO4 E . -5.41 -13.89 -7.68
O3 SO4 E . -3.97 -15.45 -8.82
O4 SO4 E . -6.31 -15.79 -8.81
S SO4 F . 1.68 -5.75 16.68
O1 SO4 F . 0.86 -5.82 17.88
O2 SO4 F . 1.81 -4.37 16.20
O3 SO4 F . 3.01 -6.28 16.97
O4 SO4 F . 1.05 -6.55 15.62
C1 GOL G . 0.73 -16.04 7.54
O1 GOL G . -0.33 -16.81 7.00
C2 GOL G . 0.17 -14.96 8.45
O2 GOL G . -0.39 -15.52 9.63
C3 GOL G . -0.83 -14.04 7.71
O3 GOL G . -0.15 -13.23 6.76
C1 GOL H . 2.34 -5.56 9.07
O1 GOL H . 3.30 -4.75 8.42
C2 GOL H . 1.94 -4.89 10.38
O2 GOL H . 0.62 -4.40 10.29
C3 GOL H . 2.06 -5.90 11.53
O3 GOL H . 1.54 -5.32 12.71
NA NA I . 12.56 12.21 -22.98
C1 GOL J . 1.28 18.28 -11.91
O1 GOL J . 0.83 19.13 -12.97
C2 GOL J . 0.05 17.70 -11.18
O2 GOL J . 0.38 16.50 -10.49
C3 GOL J . -0.51 18.71 -10.20
O3 GOL J . 0.54 19.19 -9.38
C1 GOL K . 3.73 9.07 -9.58
O1 GOL K . 3.69 10.47 -9.80
C2 GOL K . 2.40 8.55 -9.05
O2 GOL K . 1.34 9.39 -9.49
C3 GOL K . 2.42 8.52 -7.53
O3 GOL K . 3.62 7.97 -7.04
S SO4 L . -12.70 -27.89 13.03
O1 SO4 L . -14.05 -27.41 13.26
O2 SO4 L . -11.90 -26.79 12.46
O3 SO4 L . -12.12 -28.32 14.31
O4 SO4 L . -12.70 -28.99 12.07
S SO4 M . 14.99 0.10 -0.11
O1 SO4 M . 15.70 0.96 0.82
O2 SO4 M . 14.42 0.89 -1.20
O3 SO4 M . 15.93 -0.88 -0.66
O4 SO4 M . 13.91 -0.60 0.59
S SO4 N . 11.29 -39.49 19.51
O1 SO4 N . 10.19 -39.86 20.40
O2 SO4 N . 11.07 -38.15 18.95
O3 SO4 N . 12.56 -39.52 20.22
O4 SO4 N . 11.37 -40.44 18.40
S SO4 O . 7.36 33.46 -11.28
O1 SO4 O . 7.24 32.39 -10.29
O2 SO4 O . 6.04 34.00 -11.60
O3 SO4 O . 8.16 34.55 -10.71
O4 SO4 O . 8.00 32.95 -12.49
S SO4 P . 10.52 12.56 3.56
O1 SO4 P . 9.73 11.46 4.00
O2 SO4 P . 9.97 13.21 2.43
O3 SO4 P . 10.73 13.57 4.54
O4 SO4 P . 11.76 11.97 3.21
#